data_7JLR
#
_entry.id   7JLR
#
_cell.length_a   60.115
_cell.length_b   60.115
_cell.length_c   161.067
_cell.angle_alpha   90.000
_cell.angle_beta   90.000
_cell.angle_gamma   90.000
#
_symmetry.space_group_name_H-M   'P 43 21 2'
#
loop_
_entity.id
_entity.type
_entity.pdbx_description
1 polymer 'Isoprenyl transferase'
2 non-polymer 7-(azepan-1-yl)-5-ethyl-3-(4-fluorophenyl)pyrazolo[1,5-a]pyrimidine
3 water water
#
_entity_poly.entity_id   1
_entity_poly.type   'polypeptide(L)'
_entity_poly.pdbx_seq_one_letter_code
;MLNILKNWKNQQTAASNLERYTKEDILKGEIPEHIAIIMDGNGRWAKKRSLPRIAGHHEGMKVVKRTTKLANELGVKVLT
LYAFSTENWKRPKMEVDFLMKLPEEFLNTYLPELVEENVQVRIIGDETALPAHTLRAIEKAVQDTAQNDGMILNFALNYG
GRTEIVSAAKSLAEKVKEGSLNIEDIDESLFSTYLMTESLQDPELLIRTSGEIRLSNFMLWQVAYSEFVFTDVLWPDFKE
DHFLQALGEFQQRGRRFGGI
;
_entity_poly.pdbx_strand_id   A
#
loop_
_chem_comp.id
_chem_comp.type
_chem_comp.name
_chem_comp.formula
V0D non-polymer 7-(azepan-1-yl)-5-ethyl-3-(4-fluorophenyl)pyrazolo[1,5-a]pyrimidine 'C20 H23 F N4'
#
# COMPACT_ATOMS: atom_id res chain seq x y z
N ARG A 20 19.46 15.14 -3.13
CA ARG A 20 19.39 16.45 -2.51
C ARG A 20 19.24 16.35 -0.99
N TYR A 21 18.33 15.48 -0.55
CA TYR A 21 18.03 15.27 0.87
C TYR A 21 18.74 14.00 1.33
N THR A 22 19.73 14.16 2.22
CA THR A 22 20.34 12.97 2.79
C THR A 22 19.37 12.29 3.75
N LYS A 23 19.67 11.04 4.09
CA LYS A 23 18.92 10.34 5.12
C LYS A 23 18.91 11.14 6.41
N GLU A 24 20.11 11.54 6.87
CA GLU A 24 20.25 12.30 8.12
C GLU A 24 19.30 13.48 8.17
N ASP A 25 19.24 14.26 7.09
CA ASP A 25 18.32 15.39 7.04
C ASP A 25 16.89 14.94 7.25
N ILE A 26 16.48 13.87 6.56
CA ILE A 26 15.10 13.40 6.62
C ILE A 26 14.73 12.97 8.04
N LEU A 27 15.65 12.33 8.75
CA LEU A 27 15.36 11.83 10.09
C LEU A 27 15.13 12.96 11.08
N LYS A 28 15.92 14.04 11.00
CA LYS A 28 15.72 15.17 11.89
C LYS A 28 14.34 15.81 11.73
N GLY A 29 13.62 15.48 10.66
CA GLY A 29 12.28 16.01 10.43
C GLY A 29 11.19 15.04 10.80
N GLU A 30 9.97 15.40 10.41
CA GLU A 30 8.80 14.62 10.78
C GLU A 30 8.58 13.47 9.80
N ILE A 31 8.22 12.32 10.35
CA ILE A 31 8.04 11.08 9.57
C ILE A 31 6.57 10.69 9.57
N PRO A 32 5.88 10.74 8.44
CA PRO A 32 4.46 10.34 8.42
C PRO A 32 4.31 8.92 8.96
N GLU A 33 3.32 8.72 9.82
CA GLU A 33 3.13 7.40 10.42
C GLU A 33 2.67 6.37 9.40
N HIS A 34 1.84 6.78 8.44
CA HIS A 34 1.27 5.89 7.43
C HIS A 34 1.55 6.46 6.04
N ILE A 35 2.30 5.69 5.23
CA ILE A 35 2.57 6.04 3.84
C ILE A 35 1.87 5.04 2.94
N ALA A 36 1.28 5.52 1.84
CA ALA A 36 0.70 4.65 0.83
C ALA A 36 1.36 4.95 -0.50
N ILE A 37 1.82 3.90 -1.17
CA ILE A 37 2.45 4.04 -2.49
C ILE A 37 1.63 3.29 -3.52
N ILE A 38 1.30 3.97 -4.61
CA ILE A 38 0.76 3.35 -5.80
C ILE A 38 1.97 2.96 -6.66
N MET A 39 2.31 1.66 -6.66
CA MET A 39 3.46 1.14 -7.38
C MET A 39 3.11 0.93 -8.84
N ASP A 40 3.57 1.82 -9.70
CA ASP A 40 3.21 1.83 -11.10
C ASP A 40 4.48 1.90 -11.94
N GLY A 41 4.39 1.41 -13.17
CA GLY A 41 5.46 1.52 -14.11
C GLY A 41 6.36 0.31 -14.22
N ASN A 42 5.96 -0.85 -13.69
CA ASN A 42 6.81 -2.04 -13.80
C ASN A 42 6.97 -2.45 -15.25
N GLY A 43 5.88 -2.45 -16.02
CA GLY A 43 5.98 -2.86 -17.42
C GLY A 43 6.73 -1.86 -18.29
N ARG A 44 6.44 -0.56 -18.11
CA ARG A 44 7.17 0.47 -18.86
C ARG A 44 8.66 0.39 -18.59
N TRP A 45 9.05 0.07 -17.36
CA TRP A 45 10.47 -0.11 -17.04
C TRP A 45 11.06 -1.25 -17.86
N ALA A 46 10.35 -2.38 -17.90
CA ALA A 46 10.80 -3.52 -18.71
C ALA A 46 10.97 -3.14 -20.16
N LYS A 47 10.00 -2.41 -20.73
CA LYS A 47 10.10 -2.01 -22.12
C LYS A 47 11.31 -1.11 -22.35
N LYS A 48 11.52 -0.14 -21.46
CA LYS A 48 12.70 0.70 -21.56
C LYS A 48 13.97 -0.14 -21.60
N ARG A 49 14.03 -1.15 -20.73
CA ARG A 49 15.16 -2.08 -20.61
C ARG A 49 15.25 -3.12 -21.72
N SER A 50 14.33 -3.12 -22.69
CA SER A 50 14.22 -4.19 -23.68
C SER A 50 14.05 -5.55 -23.02
N LEU A 51 13.36 -5.59 -21.89
CA LEU A 51 13.13 -6.79 -21.14
C LEU A 51 11.66 -7.18 -21.20
N PRO A 52 11.35 -8.47 -20.97
CA PRO A 52 9.95 -8.89 -20.95
C PRO A 52 9.18 -8.28 -19.78
N ARG A 53 7.86 -8.17 -19.97
CA ARG A 53 7.04 -7.49 -18.99
C ARG A 53 7.15 -8.16 -17.62
N ILE A 54 7.22 -9.49 -17.58
CA ILE A 54 7.28 -10.19 -16.31
C ILE A 54 8.57 -9.87 -15.56
N ALA A 55 9.65 -9.54 -16.28
CA ALA A 55 10.88 -9.15 -15.60
C ALA A 55 10.71 -7.78 -14.93
N GLY A 56 9.81 -6.94 -15.46
CA GLY A 56 9.47 -5.72 -14.74
C GLY A 56 8.83 -6.00 -13.40
N HIS A 57 7.85 -6.91 -13.39
CA HIS A 57 7.12 -7.21 -12.15
C HIS A 57 8.04 -7.85 -11.12
N HIS A 58 8.97 -8.71 -11.56
CA HIS A 58 9.91 -9.33 -10.64
C HIS A 58 10.84 -8.30 -10.03
N GLU A 59 11.28 -7.32 -10.82
CA GLU A 59 12.18 -6.29 -10.29
C GLU A 59 11.45 -5.41 -9.28
N GLY A 60 10.21 -5.04 -9.59
CA GLY A 60 9.41 -4.31 -8.63
C GLY A 60 9.25 -5.04 -7.32
N MET A 61 9.28 -6.38 -7.36
CA MET A 61 9.16 -7.13 -6.12
C MET A 61 10.33 -6.88 -5.20
N LYS A 62 11.54 -6.80 -5.77
CA LYS A 62 12.72 -6.48 -4.97
C LYS A 62 12.68 -5.06 -4.45
N VAL A 63 11.98 -4.17 -5.16
CA VAL A 63 11.85 -2.81 -4.69
C VAL A 63 10.87 -2.74 -3.53
N VAL A 64 9.89 -3.64 -3.48
CA VAL A 64 9.04 -3.73 -2.31
C VAL A 64 9.88 -4.00 -1.07
N LYS A 65 10.89 -4.86 -1.18
CA LYS A 65 11.72 -5.20 -0.04
C LYS A 65 12.53 -4.00 0.45
N ARG A 66 13.25 -3.33 -0.46
CA ARG A 66 14.10 -2.22 -0.05
C ARG A 66 13.28 -1.09 0.55
N THR A 67 12.12 -0.81 -0.04
CA THR A 67 11.22 0.19 0.52
C THR A 67 10.75 -0.21 1.91
N THR A 68 10.37 -1.48 2.09
CA THR A 68 9.95 -1.93 3.40
C THR A 68 11.03 -1.69 4.43
N LYS A 69 12.26 -2.10 4.10
CA LYS A 69 13.38 -1.99 5.03
C LYS A 69 13.65 -0.54 5.42
N LEU A 70 13.70 0.36 4.42
CA LEU A 70 14.02 1.75 4.70
C LEU A 70 12.91 2.43 5.49
N ALA A 71 11.65 2.25 5.05
CA ALA A 71 10.53 2.83 5.78
C ALA A 71 10.53 2.36 7.23
N ASN A 72 10.82 1.08 7.47
CA ASN A 72 10.84 0.56 8.83
C ASN A 72 12.01 1.13 9.62
N GLU A 73 13.18 1.23 8.98
CA GLU A 73 14.31 1.93 9.60
C GLU A 73 13.93 3.37 9.92
N LEU A 74 13.20 4.01 9.02
CA LEU A 74 12.81 5.40 9.18
C LEU A 74 11.77 5.59 10.27
N GLY A 75 11.26 4.53 10.89
CA GLY A 75 10.23 4.68 11.91
C GLY A 75 8.82 4.82 11.39
N VAL A 76 8.61 4.62 10.08
CA VAL A 76 7.25 4.58 9.55
C VAL A 76 6.50 3.45 10.23
N LYS A 77 5.22 3.69 10.51
CA LYS A 77 4.41 2.75 11.27
C LYS A 77 3.52 1.87 10.41
N VAL A 78 3.08 2.35 9.24
CA VAL A 78 2.25 1.59 8.30
C VAL A 78 2.70 1.90 6.90
N LEU A 79 3.01 0.87 6.12
CA LEU A 79 3.36 1.04 4.72
C LEU A 79 2.33 0.27 3.90
N THR A 80 1.51 1.00 3.17
CA THR A 80 0.51 0.40 2.31
C THR A 80 1.03 0.45 0.88
N LEU A 81 1.19 -0.72 0.27
CA LEU A 81 1.66 -0.84 -1.09
C LEU A 81 0.51 -1.34 -1.95
N TYR A 82 0.27 -0.67 -3.07
CA TYR A 82 -0.84 -0.99 -3.97
C TYR A 82 -0.28 -1.59 -5.25
N ALA A 83 -0.67 -2.84 -5.54
CA ALA A 83 -0.38 -3.51 -6.80
C ALA A 83 -1.62 -3.49 -7.70
N PHE A 84 -1.43 -3.10 -8.96
CA PHE A 84 -2.53 -2.97 -9.93
C PHE A 84 -3.22 -4.32 -10.19
N SER A 85 -4.35 -4.26 -10.89
CA SER A 85 -5.18 -5.42 -11.22
C SER A 85 -4.55 -6.27 -12.33
N LYS A 90 -6.34 -6.55 -17.67
CA LYS A 90 -6.62 -7.54 -18.71
C LYS A 90 -5.41 -7.64 -19.67
N ARG A 91 -4.31 -8.18 -19.15
CA ARG A 91 -3.14 -8.50 -19.95
C ARG A 91 -3.19 -9.98 -20.33
N PRO A 92 -2.32 -10.44 -21.23
CA PRO A 92 -2.35 -11.86 -21.60
C PRO A 92 -2.28 -12.75 -20.37
N LYS A 93 -3.02 -13.86 -20.41
CA LYS A 93 -3.25 -14.65 -19.21
C LYS A 93 -2.02 -15.43 -18.75
N MET A 94 -0.93 -15.43 -19.51
CA MET A 94 0.34 -15.87 -18.95
C MET A 94 0.87 -14.85 -17.94
N GLU A 95 0.71 -13.56 -18.25
CA GLU A 95 1.17 -12.51 -17.35
C GLU A 95 0.27 -12.40 -16.11
N VAL A 96 -1.05 -12.59 -16.29
CA VAL A 96 -1.98 -12.56 -15.17
C VAL A 96 -1.65 -13.66 -14.15
N ASP A 97 -1.47 -14.90 -14.63
CA ASP A 97 -1.10 -15.99 -13.74
C ASP A 97 0.22 -15.71 -13.04
N PHE A 98 1.18 -15.12 -13.77
CA PHE A 98 2.48 -14.82 -13.18
C PHE A 98 2.34 -13.86 -12.00
N LEU A 99 1.59 -12.77 -12.19
CA LEU A 99 1.39 -11.81 -11.09
C LEU A 99 0.65 -12.44 -9.92
N MET A 100 -0.26 -13.38 -10.18
CA MET A 100 -0.96 -14.05 -9.09
C MET A 100 -0.05 -14.95 -8.26
N LYS A 101 1.14 -15.28 -8.77
CA LYS A 101 2.11 -16.06 -8.05
C LYS A 101 3.20 -15.23 -7.37
N LEU A 102 3.24 -13.92 -7.66
CA LEU A 102 4.24 -13.07 -7.00
C LEU A 102 4.12 -13.03 -5.48
N PRO A 103 2.92 -12.98 -4.87
CA PRO A 103 2.87 -12.95 -3.40
C PRO A 103 3.61 -14.12 -2.80
N GLU A 104 3.40 -15.31 -3.36
CA GLU A 104 4.04 -16.51 -2.85
C GLU A 104 5.56 -16.42 -2.98
N GLU A 105 6.05 -15.97 -4.15
CA GLU A 105 7.49 -15.83 -4.30
C GLU A 105 8.06 -14.79 -3.35
N PHE A 106 7.38 -13.64 -3.22
CA PHE A 106 7.85 -12.60 -2.30
C PHE A 106 7.90 -13.14 -0.88
N LEU A 107 6.78 -13.71 -0.41
CA LEU A 107 6.75 -14.27 0.93
C LEU A 107 7.78 -15.36 1.11
N ASN A 108 8.01 -16.16 0.07
CA ASN A 108 9.03 -17.20 0.12
C ASN A 108 10.40 -16.61 0.43
N THR A 109 10.80 -15.59 -0.34
CA THR A 109 12.16 -15.08 -0.26
C THR A 109 12.36 -14.14 0.94
N TYR A 110 11.32 -13.39 1.32
CA TYR A 110 11.52 -12.28 2.24
C TYR A 110 10.82 -12.41 3.59
N LEU A 111 9.98 -13.43 3.79
CA LEU A 111 9.28 -13.54 5.07
C LEU A 111 10.21 -13.74 6.26
N PRO A 112 11.24 -14.60 6.21
CA PRO A 112 12.10 -14.75 7.40
C PRO A 112 12.74 -13.46 7.86
N GLU A 113 13.14 -12.57 6.95
CA GLU A 113 13.63 -11.29 7.45
C GLU A 113 12.51 -10.35 7.84
N LEU A 114 11.30 -10.55 7.31
CA LEU A 114 10.17 -9.73 7.76
C LEU A 114 9.81 -10.05 9.20
N VAL A 115 9.92 -11.32 9.62
CA VAL A 115 9.66 -11.65 11.02
C VAL A 115 10.80 -11.16 11.90
N GLU A 116 12.03 -11.21 11.41
CA GLU A 116 13.17 -10.74 12.20
C GLU A 116 13.15 -9.22 12.31
N GLU A 117 12.78 -8.52 11.24
CA GLU A 117 12.68 -7.07 11.28
C GLU A 117 11.42 -6.56 11.98
N ASN A 118 10.63 -7.45 12.61
CA ASN A 118 9.51 -7.03 13.45
C ASN A 118 8.37 -6.40 12.64
N VAL A 119 8.19 -6.83 11.39
CA VAL A 119 7.13 -6.33 10.52
C VAL A 119 5.85 -7.13 10.76
N GLN A 120 4.70 -6.46 10.68
CA GLN A 120 3.40 -7.12 10.64
C GLN A 120 2.90 -7.11 9.21
N VAL A 121 2.79 -8.30 8.60
CA VAL A 121 2.24 -8.42 7.25
C VAL A 121 0.72 -8.40 7.33
N ARG A 122 0.09 -7.56 6.49
CA ARG A 122 -1.37 -7.44 6.45
C ARG A 122 -1.81 -7.24 5.00
N ILE A 123 -3.10 -7.49 4.76
CA ILE A 123 -3.60 -7.47 3.38
C ILE A 123 -5.03 -6.92 3.40
N ILE A 124 -5.33 -6.03 2.44
CA ILE A 124 -6.67 -5.51 2.20
C ILE A 124 -7.01 -5.69 0.72
N GLY A 125 -8.30 -5.84 0.45
CA GLY A 125 -8.78 -6.12 -0.88
C GLY A 125 -9.77 -7.26 -0.89
N ASP A 126 -10.26 -7.57 -2.10
CA ASP A 126 -11.11 -8.73 -2.30
C ASP A 126 -10.23 -9.98 -2.35
N GLU A 127 -10.18 -10.71 -1.24
CA GLU A 127 -9.32 -11.88 -1.17
C GLU A 127 -9.85 -13.05 -1.98
N THR A 128 -11.15 -13.09 -2.26
CA THR A 128 -11.74 -14.20 -3.02
C THR A 128 -11.26 -14.21 -4.46
N ALA A 129 -10.49 -13.21 -4.86
CA ALA A 129 -9.97 -13.13 -6.21
C ALA A 129 -8.68 -13.92 -6.42
N LEU A 130 -8.09 -14.43 -5.37
CA LEU A 130 -6.86 -15.19 -5.47
C LEU A 130 -7.14 -16.68 -5.27
N PRO A 131 -6.29 -17.57 -5.82
CA PRO A 131 -6.49 -19.00 -5.59
C PRO A 131 -6.24 -19.40 -4.15
N ALA A 132 -6.84 -20.52 -3.77
CA ALA A 132 -6.72 -21.06 -2.41
C ALA A 132 -5.27 -21.17 -1.98
N HIS A 133 -4.39 -21.68 -2.85
CA HIS A 133 -2.99 -21.85 -2.47
CA HIS A 133 -2.99 -21.85 -2.47
C HIS A 133 -2.34 -20.50 -2.19
N THR A 134 -2.63 -19.49 -3.00
CA THR A 134 -2.07 -18.17 -2.75
C THR A 134 -2.59 -17.56 -1.45
N LEU A 135 -3.89 -17.75 -1.15
CA LEU A 135 -4.41 -17.25 0.13
C LEU A 135 -3.74 -17.95 1.31
N ARG A 136 -3.59 -19.27 1.26
CA ARG A 136 -3.03 -19.98 2.41
C ARG A 136 -1.58 -19.58 2.65
N ALA A 137 -0.83 -19.25 1.60
CA ALA A 137 0.49 -18.67 1.78
C ALA A 137 0.40 -17.30 2.42
N ILE A 138 -0.49 -16.46 1.90
CA ILE A 138 -0.65 -15.11 2.46
C ILE A 138 -1.09 -15.19 3.91
N GLU A 139 -2.11 -16.00 4.19
CA GLU A 139 -2.67 -16.02 5.54
C GLU A 139 -1.67 -16.57 6.54
N LYS A 140 -0.77 -17.45 6.12
CA LYS A 140 0.20 -17.92 7.10
C LYS A 140 1.25 -16.85 7.42
N ALA A 141 1.77 -16.16 6.40
CA ALA A 141 2.65 -15.03 6.65
C ALA A 141 1.98 -13.99 7.55
N VAL A 142 0.67 -13.84 7.42
CA VAL A 142 -0.06 -12.94 8.29
C VAL A 142 0.01 -13.42 9.74
N GLN A 143 -0.41 -14.67 9.99
CA GLN A 143 -0.44 -15.12 11.38
C GLN A 143 0.97 -15.32 11.91
N ASP A 144 1.94 -15.58 11.03
CA ASP A 144 3.32 -15.71 11.47
C ASP A 144 3.89 -14.38 11.97
N THR A 145 3.41 -13.25 11.47
CA THR A 145 3.87 -11.95 11.94
C THR A 145 2.87 -11.25 12.85
N ALA A 146 1.74 -11.88 13.17
CA ALA A 146 0.71 -11.15 13.90
C ALA A 146 1.17 -10.82 15.32
N GLN A 147 2.07 -11.61 15.88
CA GLN A 147 2.59 -11.32 17.20
C GLN A 147 3.81 -10.41 17.17
N ASN A 148 4.18 -9.89 16.02
CA ASN A 148 5.11 -8.77 15.95
C ASN A 148 4.39 -7.46 16.22
N ASP A 149 5.12 -6.44 16.69
CA ASP A 149 4.50 -5.15 16.99
C ASP A 149 5.18 -3.97 16.31
N GLY A 150 6.12 -4.20 15.39
CA GLY A 150 6.74 -3.13 14.64
C GLY A 150 5.92 -2.68 13.45
N MET A 151 6.61 -2.26 12.39
CA MET A 151 5.94 -1.65 11.25
C MET A 151 4.91 -2.59 10.64
N ILE A 152 3.77 -2.02 10.24
CA ILE A 152 2.76 -2.75 9.49
C ILE A 152 3.05 -2.60 8.01
N LEU A 153 3.12 -3.72 7.30
CA LEU A 153 3.29 -3.74 5.85
C LEU A 153 1.97 -4.22 5.26
N ASN A 154 1.21 -3.30 4.71
CA ASN A 154 -0.15 -3.54 4.25
C ASN A 154 -0.14 -3.67 2.73
N PHE A 155 -0.46 -4.86 2.21
CA PHE A 155 -0.54 -5.10 0.78
C PHE A 155 -1.99 -4.98 0.34
N ALA A 156 -2.27 -4.06 -0.59
CA ALA A 156 -3.61 -3.88 -1.13
C ALA A 156 -3.65 -4.62 -2.46
N LEU A 157 -4.52 -5.64 -2.54
CA LEU A 157 -4.59 -6.51 -3.71
C LEU A 157 -6.05 -6.63 -4.12
N ASN A 158 -6.31 -6.56 -5.42
CA ASN A 158 -7.67 -6.53 -5.94
CA ASN A 158 -7.68 -6.51 -5.94
C ASN A 158 -8.53 -5.63 -5.05
N TYR A 159 -8.01 -4.42 -4.82
CA TYR A 159 -8.62 -3.42 -3.96
C TYR A 159 -9.13 -2.28 -4.83
N GLY A 160 -10.31 -1.77 -4.48
CA GLY A 160 -10.94 -0.68 -5.18
C GLY A 160 -11.67 0.28 -4.25
N GLY A 161 -11.41 1.59 -4.39
CA GLY A 161 -11.95 2.54 -3.44
C GLY A 161 -13.47 2.56 -3.41
N ARG A 162 -14.09 2.60 -4.59
CA ARG A 162 -15.55 2.70 -4.64
C ARG A 162 -16.21 1.44 -4.09
N THR A 163 -15.70 0.26 -4.48
CA THR A 163 -16.27 -1.00 -4.02
C THR A 163 -16.19 -1.13 -2.51
N GLU A 164 -15.06 -0.73 -1.94
CA GLU A 164 -14.90 -0.71 -0.49
C GLU A 164 -15.97 0.15 0.18
N ILE A 165 -16.21 1.34 -0.37
CA ILE A 165 -17.21 2.26 0.18
C ILE A 165 -18.60 1.66 0.09
N VAL A 166 -18.95 1.11 -1.08
CA VAL A 166 -20.25 0.49 -1.28
C VAL A 166 -20.43 -0.72 -0.36
N SER A 167 -19.37 -1.51 -0.16
CA SER A 167 -19.46 -2.65 0.75
CA SER A 167 -19.49 -2.65 0.75
C SER A 167 -19.71 -2.19 2.19
N ALA A 168 -19.11 -1.06 2.58
CA ALA A 168 -19.37 -0.51 3.90
C ALA A 168 -20.83 -0.10 4.05
N ALA A 169 -21.39 0.54 3.04
CA ALA A 169 -22.79 0.95 3.11
C ALA A 169 -23.70 -0.26 3.21
N LYS A 170 -23.40 -1.31 2.47
CA LYS A 170 -24.26 -2.49 2.46
C LYS A 170 -24.22 -3.21 3.81
N SER A 171 -23.06 -3.23 4.47
CA SER A 171 -23.01 -3.85 5.78
C SER A 171 -23.70 -2.98 6.83
N LEU A 172 -23.56 -1.67 6.73
CA LEU A 172 -24.34 -0.80 7.63
C LEU A 172 -25.84 -0.99 7.40
N ALA A 173 -26.26 -1.00 6.12
CA ALA A 173 -27.66 -1.27 5.79
C ALA A 173 -28.16 -2.57 6.41
N GLU A 174 -27.30 -3.59 6.48
CA GLU A 174 -27.73 -4.90 6.98
C GLU A 174 -27.90 -4.90 8.50
N LYS A 175 -27.00 -4.24 9.22
CA LYS A 175 -27.25 -4.07 10.66
C LYS A 175 -28.49 -3.20 10.91
N VAL A 176 -28.73 -2.20 10.07
CA VAL A 176 -29.94 -1.41 10.23
C VAL A 176 -31.16 -2.29 9.98
N LYS A 177 -31.09 -3.13 8.94
CA LYS A 177 -32.19 -4.02 8.62
C LYS A 177 -32.47 -4.99 9.76
N GLU A 178 -31.43 -5.57 10.35
CA GLU A 178 -31.60 -6.50 11.45
C GLU A 178 -31.93 -5.82 12.77
N GLY A 179 -31.74 -4.50 12.87
CA GLY A 179 -32.13 -3.78 14.08
C GLY A 179 -31.09 -3.68 15.16
N SER A 180 -29.80 -3.81 14.83
CA SER A 180 -28.72 -3.63 15.77
C SER A 180 -27.99 -2.32 15.55
N LEU A 181 -28.50 -1.48 14.65
CA LEU A 181 -27.91 -0.19 14.37
C LEU A 181 -29.03 0.74 13.96
N ASN A 182 -29.00 1.96 14.49
CA ASN A 182 -29.94 3.02 14.16
C ASN A 182 -29.27 4.00 13.21
N ILE A 183 -30.03 4.45 12.21
CA ILE A 183 -29.45 5.28 11.16
C ILE A 183 -28.82 6.55 11.72
N GLU A 184 -29.40 7.11 12.79
CA GLU A 184 -28.89 8.36 13.34
C GLU A 184 -27.54 8.20 14.03
N ASP A 185 -27.09 6.96 14.25
CA ASP A 185 -25.78 6.69 14.82
C ASP A 185 -24.71 6.46 13.74
N ILE A 186 -25.09 6.49 12.48
CA ILE A 186 -24.14 6.34 11.39
C ILE A 186 -23.50 7.70 11.14
N ASP A 187 -22.22 7.82 11.46
CA ASP A 187 -21.53 9.09 11.27
C ASP A 187 -20.18 8.82 10.62
N GLU A 188 -19.40 9.89 10.45
CA GLU A 188 -18.16 9.78 9.70
C GLU A 188 -17.22 8.76 10.33
N SER A 189 -17.05 8.82 11.65
CA SER A 189 -16.13 7.90 12.30
C SER A 189 -16.65 6.48 12.26
N LEU A 190 -17.94 6.27 12.52
CA LEU A 190 -18.48 4.92 12.42
C LEU A 190 -18.33 4.37 11.01
N PHE A 191 -18.59 5.22 10.01
CA PHE A 191 -18.41 4.75 8.64
C PHE A 191 -16.97 4.28 8.38
N SER A 192 -15.98 4.94 8.99
CA SER A 192 -14.59 4.53 8.78
C SER A 192 -14.31 3.15 9.36
N THR A 193 -15.04 2.74 10.40
CA THR A 193 -14.84 1.42 10.97
C THR A 193 -15.29 0.29 10.05
N TYR A 194 -16.08 0.59 9.01
CA TYR A 194 -16.58 -0.42 8.10
C TYR A 194 -15.76 -0.52 6.80
N LEU A 195 -14.67 0.23 6.70
CA LEU A 195 -13.80 0.10 5.54
C LEU A 195 -12.76 -0.97 5.82
N MET A 196 -12.02 -1.36 4.77
CA MET A 196 -11.06 -2.45 4.94
C MET A 196 -9.85 -2.01 5.74
N THR A 197 -9.72 -0.70 5.93
CA THR A 197 -8.59 -0.15 6.70
C THR A 197 -9.06 0.26 8.09
N GLU A 198 -10.06 -0.42 8.65
CA GLU A 198 -10.71 0.01 9.91
C GLU A 198 -9.72 0.21 11.06
N SER A 199 -8.70 -0.62 11.20
CA SER A 199 -7.79 -0.38 12.35
C SER A 199 -6.54 0.35 11.89
N LEU A 200 -6.65 1.24 10.91
CA LEU A 200 -5.46 1.94 10.44
C LEU A 200 -5.77 3.45 10.37
N GLN A 201 -4.85 4.26 10.88
CA GLN A 201 -4.93 5.69 10.64
C GLN A 201 -4.83 5.97 9.15
N ASP A 202 -5.47 7.06 8.72
CA ASP A 202 -5.42 7.44 7.32
C ASP A 202 -3.99 7.81 6.94
N PRO A 203 -3.57 7.53 5.71
CA PRO A 203 -2.19 7.87 5.32
C PRO A 203 -1.98 9.37 5.33
N GLU A 204 -0.89 9.81 5.96
CA GLU A 204 -0.53 11.21 5.84
C GLU A 204 0.10 11.51 4.48
N LEU A 205 0.63 10.50 3.80
CA LEU A 205 1.35 10.73 2.56
C LEU A 205 1.01 9.64 1.58
N LEU A 206 0.58 10.04 0.39
CA LEU A 206 0.43 9.10 -0.71
C LEU A 206 1.44 9.44 -1.79
N ILE A 207 2.12 8.41 -2.30
CA ILE A 207 3.13 8.52 -3.33
C ILE A 207 2.64 7.75 -4.53
N ARG A 208 2.69 8.37 -5.71
CA ARG A 208 2.36 7.64 -6.92
C ARG A 208 3.51 7.78 -7.90
N THR A 209 4.07 6.64 -8.31
CA THR A 209 5.15 6.58 -9.28
C THR A 209 4.61 6.49 -10.71
N SER A 210 5.52 6.55 -11.68
CA SER A 210 5.30 6.32 -13.13
C SER A 210 4.59 7.48 -13.82
N GLY A 211 4.46 8.65 -13.19
CA GLY A 211 4.13 9.87 -13.89
C GLY A 211 2.65 10.16 -14.04
N GLU A 212 1.76 9.23 -13.70
CA GLU A 212 0.34 9.49 -13.79
C GLU A 212 -0.09 10.30 -12.56
N ILE A 213 -0.87 11.36 -12.81
CA ILE A 213 -1.38 12.26 -11.77
C ILE A 213 -2.87 12.00 -11.59
N ARG A 214 -3.21 10.87 -10.98
CA ARG A 214 -4.57 10.41 -10.77
C ARG A 214 -4.55 9.56 -9.52
N LEU A 215 -5.74 9.31 -8.98
CA LEU A 215 -5.87 8.38 -7.85
C LEU A 215 -6.15 6.96 -8.27
N SER A 216 -6.79 6.77 -9.42
CA SER A 216 -7.07 5.44 -9.94
C SER A 216 -7.80 4.58 -8.90
N ASN A 217 -8.83 5.17 -8.28
CA ASN A 217 -9.76 4.41 -7.46
C ASN A 217 -9.06 3.77 -6.26
N PHE A 218 -8.10 4.48 -5.68
CA PHE A 218 -7.34 3.99 -4.54
C PHE A 218 -7.62 4.83 -3.30
N MET A 219 -8.18 4.18 -2.27
CA MET A 219 -8.35 4.79 -0.94
C MET A 219 -8.99 6.18 -1.02
N LEU A 220 -10.11 6.25 -1.74
CA LEU A 220 -10.82 7.51 -1.94
C LEU A 220 -11.19 8.16 -0.61
N TRP A 221 -11.86 7.41 0.27
CA TRP A 221 -12.24 7.98 1.55
C TRP A 221 -11.02 8.34 2.39
N GLN A 222 -10.00 7.49 2.39
CA GLN A 222 -8.89 7.60 3.34
C GLN A 222 -7.91 8.71 3.02
N VAL A 223 -7.79 9.13 1.76
CA VAL A 223 -6.83 10.15 1.35
C VAL A 223 -7.48 11.53 1.27
N ALA A 224 -8.60 11.73 1.96
CA ALA A 224 -9.30 13.02 1.93
C ALA A 224 -8.37 14.18 2.28
N TYR A 225 -7.45 13.97 3.22
CA TYR A 225 -6.56 15.01 3.70
C TYR A 225 -5.07 14.70 3.54
N SER A 226 -4.72 13.57 2.89
CA SER A 226 -3.32 13.22 2.68
C SER A 226 -2.61 14.20 1.76
N GLU A 227 -1.34 14.45 2.04
CA GLU A 227 -0.45 15.03 1.05
C GLU A 227 -0.15 14.02 -0.06
N PHE A 228 -0.16 14.49 -1.31
CA PHE A 228 0.13 13.65 -2.46
C PHE A 228 1.50 14.04 -3.01
N VAL A 229 2.32 13.05 -3.31
CA VAL A 229 3.61 13.28 -3.96
C VAL A 229 3.65 12.42 -5.21
N PHE A 230 3.67 13.05 -6.38
CA PHE A 230 3.76 12.34 -7.65
C PHE A 230 5.19 12.43 -8.18
N THR A 231 5.64 11.35 -8.84
CA THR A 231 6.97 11.31 -9.40
C THR A 231 6.93 10.62 -10.76
N ASP A 232 7.82 11.04 -11.65
CA ASP A 232 7.96 10.35 -12.93
C ASP A 232 8.70 9.03 -12.81
N VAL A 233 9.41 8.82 -11.69
CA VAL A 233 10.23 7.62 -11.55
C VAL A 233 9.36 6.38 -11.59
N LEU A 234 9.79 5.40 -12.38
CA LEU A 234 9.12 4.09 -12.45
C LEU A 234 9.45 3.25 -11.21
N TRP A 235 8.46 2.53 -10.70
CA TRP A 235 8.60 1.78 -9.46
C TRP A 235 9.86 0.92 -9.37
N PRO A 236 10.27 0.14 -10.38
CA PRO A 236 11.52 -0.62 -10.22
C PRO A 236 12.75 0.27 -10.07
N ASP A 237 12.67 1.53 -10.49
CA ASP A 237 13.77 2.47 -10.31
C ASP A 237 13.68 3.24 -9.00
N PHE A 238 12.58 3.11 -8.27
CA PHE A 238 12.27 3.97 -7.11
C PHE A 238 13.00 3.45 -5.88
N LYS A 239 14.29 3.79 -5.78
CA LYS A 239 15.08 3.23 -4.70
C LYS A 239 15.23 4.26 -3.54
N GLU A 240 16.22 4.05 -2.67
CA GLU A 240 16.28 4.77 -1.40
CA GLU A 240 16.29 4.77 -1.39
C GLU A 240 16.31 6.28 -1.60
N ASP A 241 17.14 6.77 -2.53
CA ASP A 241 17.25 8.21 -2.72
C ASP A 241 15.93 8.83 -3.18
N HIS A 242 15.25 8.18 -4.13
CA HIS A 242 13.95 8.72 -4.58
C HIS A 242 12.93 8.73 -3.45
N PHE A 243 12.93 7.69 -2.63
CA PHE A 243 12.05 7.64 -1.45
C PHE A 243 12.35 8.80 -0.52
N LEU A 244 13.64 9.06 -0.29
CA LEU A 244 14.01 10.17 0.60
C LEU A 244 13.50 11.49 0.05
N GLN A 245 13.67 11.73 -1.25
CA GLN A 245 13.25 12.99 -1.84
C GLN A 245 11.74 13.22 -1.67
N ALA A 246 10.95 12.15 -1.71
CA ALA A 246 9.52 12.32 -1.51
C ALA A 246 9.24 12.71 -0.07
N LEU A 247 9.96 12.10 0.87
CA LEU A 247 9.84 12.51 2.25
C LEU A 247 10.26 13.97 2.42
N GLY A 248 11.40 14.34 1.83
CA GLY A 248 11.81 15.74 1.86
C GLY A 248 10.75 16.67 1.31
N GLU A 249 10.11 16.27 0.21
CA GLU A 249 8.97 17.03 -0.30
C GLU A 249 7.87 17.12 0.75
N PHE A 250 7.52 15.99 1.36
CA PHE A 250 6.52 15.99 2.42
C PHE A 250 6.90 16.97 3.52
N GLN A 251 8.17 16.95 3.94
CA GLN A 251 8.57 17.74 5.10
C GLN A 251 8.54 19.24 4.80
N GLN A 252 9.01 19.63 3.61
CA GLN A 252 9.08 21.04 3.27
C GLN A 252 7.71 21.67 3.14
N ARG A 253 6.66 20.86 2.93
CA ARG A 253 5.30 21.39 2.91
C ARG A 253 4.88 21.83 4.29
N GLY A 254 5.35 21.12 5.33
CA GLY A 254 5.10 21.53 6.70
C GLY A 254 5.81 22.79 7.11
N ARG A 255 6.87 23.17 6.39
CA ARG A 255 7.66 24.35 6.70
C ARG A 255 7.24 25.59 5.89
N ARG A 256 6.16 25.50 5.11
CA ARG A 256 5.68 26.65 4.34
C ARG A 256 5.03 27.71 5.23
N PHE A 257 5.07 28.95 4.79
CA PHE A 257 4.44 30.06 5.50
C PHE A 257 3.27 30.61 4.68
N GLY A 258 2.50 31.50 5.31
CA GLY A 258 1.28 32.01 4.72
C GLY A 258 0.05 31.38 5.35
N GLY A 259 -1.09 31.59 4.71
CA GLY A 259 -2.33 30.95 5.13
C GLY A 259 -2.23 29.43 5.11
N ILE A 260 -3.26 28.79 5.65
CA ILE A 260 -3.28 27.33 5.73
C ILE A 260 -4.42 26.78 4.88
C10 V0D B . 5.77 -6.92 -7.52
C13 V0D B . 4.42 -3.82 -7.92
C17 V0D B . 4.66 -7.81 -3.71
C12 V0D B . 5.50 -4.47 -7.06
C14 V0D B . 3.29 -4.81 -8.19
C1 V0D B . -0.37 -8.58 -8.32
C11 V0D B . 6.27 -5.52 -7.84
C15 V0D B . 3.82 -6.07 -8.85
C18 V0D B . 3.47 -8.53 -3.63
C19 V0D B . 2.90 -9.19 -2.43
C2 V0D B . 3.46 -7.61 -6.96
C20 V0D B . 3.74 -9.53 -1.37
C21 V0D B . 3.22 -10.14 -0.23
C22 V0D B . 1.86 -10.44 -0.17
C23 V0D B . 1.02 -10.11 -1.24
C24 V0D B . 1.55 -9.48 -2.36
C4 V0D B . 2.90 -8.51 -4.91
C6 V0D B . 1.44 -8.88 -6.65
C7 V0D B . 2.29 -8.15 -7.47
C8 V0D B . 0.17 -9.47 -7.20
F25 V0D B . 1.35 -11.04 0.92
N16 V0D B . 4.85 -7.35 -4.98
N3 V0D B . 3.73 -7.81 -5.66
N5 V0D B . 1.75 -9.06 -5.34
N9 V0D B . 4.34 -6.87 -7.77
#